data_6Q1K
#
_entry.id   6Q1K
#
_cell.length_a   47.160
_cell.length_b   69.990
_cell.length_c   65.230
_cell.angle_alpha   90.000
_cell.angle_beta   108.610
_cell.angle_gamma   90.000
#
_symmetry.space_group_name_H-M   'P 1 21 1'
#
loop_
_entity.id
_entity.type
_entity.pdbx_description
1 polymer 'Fab heavy chain'
2 polymer 'Fab lambda light chain'
3 non-polymer GLYCEROL
4 water water
#
loop_
_entity_poly.entity_id
_entity_poly.type
_entity_poly.pdbx_seq_one_letter_code
_entity_poly.pdbx_strand_id
1 'polypeptide(L)'
;QVQLQESGPGLVKPSGTLSLTCAVSGGSISSSNWWSWVRQPPGKGLEWIGEIYHGGSTNYNPSLKSRVTISVDKSKNQFS
LKLSSVTAADTAVYYCARAPPYCTSASCPDDYYYYYMDVWGKGTTVTVSGASTKGPSVFPLAPSSKSTSGGTAALGCLVK
DYFPEPVTVSWNSGALTSGVHTFPAVLQSSGLYSLSSVVTVPSSSLGTQTYICNVNHKPSNTKVDKRVEPKSCDKHHHHH
H
;
H
2 'polypeptide(L)'
;ASSSELTQDPAVSVALGQTVRITCQGDSLRGYYASWYQQKPGQAPVLVIYGKNNRPSGIPDRFSGSSSGNTASLTITGAQ
AEDEADYYCNSRDSSGNHPVVFGGGTKLTVLGQPKGAPSVTLFPPSSEELQANKATLVCLISDFYPGAVTVAWKADSSPV
KAGVETTTPSKQSNNKYAASSYLSLTPEQWKSHRSYSCQVTHEGSTVEKTVAPTECS
;
L
#
# COMPACT_ATOMS: atom_id res chain seq x y z
N GLN A 1 5.07 22.38 -7.03
CA GLN A 1 5.21 21.06 -7.63
C GLN A 1 6.24 20.25 -6.84
N VAL A 2 6.18 20.41 -5.52
CA VAL A 2 7.02 19.66 -4.61
C VAL A 2 6.67 18.18 -4.71
N GLN A 3 7.69 17.34 -4.83
CA GLN A 3 7.56 15.90 -4.70
C GLN A 3 8.52 15.43 -3.62
N LEU A 4 8.12 14.40 -2.88
CA LEU A 4 8.89 13.88 -1.76
C LEU A 4 9.13 12.39 -1.92
N GLN A 5 10.33 11.94 -1.54
CA GLN A 5 10.70 10.54 -1.62
C GLN A 5 11.39 10.13 -0.33
N GLU A 6 10.85 9.12 0.35
CA GLU A 6 11.45 8.60 1.57
C GLU A 6 12.59 7.65 1.25
N SER A 7 13.50 7.50 2.20
CA SER A 7 14.59 6.53 2.11
C SER A 7 14.97 6.10 3.51
N GLY A 8 14.87 4.80 3.79
CA GLY A 8 15.19 4.23 5.08
C GLY A 8 15.66 2.79 5.01
N PRO A 9 15.99 2.20 6.16
CA PRO A 9 16.75 0.94 6.15
C PRO A 9 15.96 -0.35 6.01
N GLY A 10 14.63 -0.30 5.98
CA GLY A 10 13.83 -1.50 6.01
C GLY A 10 13.80 -2.10 7.40
N LEU A 11 14.80 -2.92 7.72
CA LEU A 11 14.87 -3.60 9.01
C LEU A 11 15.67 -2.78 10.01
N VAL A 12 15.19 -2.72 11.26
CA VAL A 12 15.89 -2.11 12.37
C VAL A 12 15.81 -3.07 13.55
N LYS A 13 16.95 -3.32 14.20
CA LYS A 13 16.95 -4.27 15.32
C LYS A 13 16.26 -3.68 16.55
N PRO A 14 15.75 -4.54 17.43
CA PRO A 14 15.13 -4.03 18.67
C PRO A 14 16.14 -3.27 19.53
N SER A 15 15.68 -2.15 20.10
CA SER A 15 16.43 -1.17 20.87
C SER A 15 17.38 -0.35 20.00
N GLY A 16 17.36 -0.52 18.69
CA GLY A 16 18.19 0.25 17.79
C GLY A 16 17.56 1.59 17.43
N THR A 17 18.24 2.28 16.53
CA THR A 17 17.80 3.61 16.11
C THR A 17 17.39 3.56 14.65
N LEU A 18 16.13 3.96 14.40
CA LEU A 18 15.63 4.13 13.04
C LEU A 18 16.16 5.43 12.45
N SER A 19 16.55 5.38 11.18
CA SER A 19 17.06 6.57 10.50
C SER A 19 16.45 6.64 9.12
N LEU A 20 15.81 7.77 8.81
CA LEU A 20 15.10 7.97 7.55
C LEU A 20 15.48 9.31 6.95
N THR A 21 15.44 9.38 5.63
CA THR A 21 15.70 10.58 4.86
C THR A 21 14.53 10.82 3.91
N CYS A 22 14.24 12.09 3.63
CA CYS A 22 13.26 12.50 2.64
C CYS A 22 13.94 13.46 1.68
N ALA A 23 14.04 13.07 0.40
CA ALA A 23 14.60 13.93 -0.63
C ALA A 23 13.48 14.80 -1.20
N VAL A 24 13.74 16.11 -1.26
CA VAL A 24 12.78 17.09 -1.76
C VAL A 24 13.18 17.46 -3.19
N SER A 25 12.25 17.30 -4.12
CA SER A 25 12.47 17.70 -5.51
C SER A 25 11.33 18.59 -5.96
N GLY A 26 11.59 19.38 -7.00
CA GLY A 26 10.59 20.34 -7.45
C GLY A 26 10.31 21.44 -6.46
N GLY A 27 11.19 21.62 -5.48
CA GLY A 27 11.03 22.68 -4.50
C GLY A 27 12.27 22.76 -3.65
N SER A 28 12.31 23.80 -2.83
CA SER A 28 13.47 24.07 -1.99
C SER A 28 13.08 23.96 -0.52
N ILE A 29 13.95 23.31 0.25
CA ILE A 29 13.76 23.26 1.69
C ILE A 29 13.96 24.63 2.33
N SER A 30 14.69 25.53 1.67
CA SER A 30 14.95 26.87 2.20
C SER A 30 13.80 27.83 1.88
N SER A 31 12.61 27.45 2.34
CA SER A 31 11.38 28.16 2.06
C SER A 31 10.41 27.93 3.22
N SER A 32 9.43 28.83 3.34
CA SER A 32 8.42 28.72 4.39
C SER A 32 7.58 27.46 4.22
N ASN A 33 7.99 26.37 4.86
CA ASN A 33 7.28 25.11 4.79
C ASN A 33 7.60 24.33 6.04
N TRP A 34 6.66 23.52 6.48
CA TRP A 34 6.86 22.65 7.64
C TRP A 34 7.06 21.25 7.10
N TRP A 35 8.31 20.80 7.08
CA TRP A 35 8.66 19.47 6.61
C TRP A 35 8.36 18.47 7.71
N SER A 36 7.53 17.46 7.43
CA SER A 36 6.85 16.71 8.47
C SER A 36 6.98 15.21 8.26
N TRP A 37 6.76 14.47 9.35
CA TRP A 37 6.76 13.01 9.35
C TRP A 37 5.48 12.48 10.01
N VAL A 38 4.92 11.45 9.39
CA VAL A 38 3.73 10.73 9.84
C VAL A 38 3.99 9.24 9.64
N ARG A 39 3.44 8.40 10.52
CA ARG A 39 3.60 6.96 10.36
C ARG A 39 2.25 6.27 10.45
N GLN A 40 2.23 5.01 10.04
CA GLN A 40 0.98 4.23 9.91
C GLN A 40 1.29 2.77 10.20
N PRO A 41 1.03 2.28 11.41
CA PRO A 41 1.28 0.87 11.72
C PRO A 41 0.37 -0.02 10.90
N PRO A 42 0.79 -1.25 10.60
CA PRO A 42 0.02 -2.13 9.71
C PRO A 42 -1.43 -2.26 10.14
N GLY A 43 -2.34 -1.91 9.23
CA GLY A 43 -3.76 -2.08 9.47
C GLY A 43 -4.39 -1.05 10.37
N LYS A 44 -3.68 0.00 10.74
CA LYS A 44 -4.18 0.99 11.70
C LYS A 44 -4.17 2.38 11.06
N GLY A 45 -4.44 3.39 11.90
CA GLY A 45 -4.59 4.76 11.44
C GLY A 45 -3.29 5.54 11.47
N LEU A 46 -3.41 6.83 11.16
CA LEU A 46 -2.26 7.70 10.97
C LEU A 46 -1.87 8.41 12.26
N GLU A 47 -0.58 8.65 12.42
CA GLU A 47 -0.04 9.26 13.63
C GLU A 47 1.03 10.26 13.25
N TRP A 48 0.85 11.50 13.67
CA TRP A 48 1.83 12.56 13.41
C TRP A 48 3.06 12.36 14.29
N ILE A 49 4.25 12.44 13.69
CA ILE A 49 5.50 12.30 14.43
C ILE A 49 6.08 13.65 14.81
N GLY A 50 6.23 14.55 13.85
CA GLY A 50 6.79 15.85 14.14
C GLY A 50 7.00 16.63 12.86
N GLU A 51 7.49 17.86 13.03
CA GLU A 51 7.71 18.77 11.91
C GLU A 51 8.95 19.61 12.22
N ILE A 52 9.55 20.17 11.16
CA ILE A 52 10.71 21.02 11.31
C ILE A 52 10.63 22.16 10.29
N TYR A 53 11.06 23.34 10.73
CA TYR A 53 11.23 24.52 9.89
C TYR A 53 12.69 24.62 9.46
N HIS A 54 12.93 25.26 8.32
CA HIS A 54 14.29 25.26 7.76
C HIS A 54 15.30 25.99 8.62
N GLY A 55 14.84 26.90 9.49
CA GLY A 55 15.76 27.52 10.44
C GLY A 55 16.21 26.58 11.54
N GLY A 56 15.40 25.56 11.86
CA GLY A 56 15.78 24.60 12.88
C GLY A 56 14.72 24.25 13.90
N SER A 57 13.69 25.10 14.03
CA SER A 57 12.64 24.89 15.01
C SER A 57 11.87 23.59 14.72
N THR A 58 11.52 22.87 15.78
CA THR A 58 10.74 21.64 15.63
C THR A 58 9.53 21.61 16.57
N ASN A 59 8.62 20.69 16.27
CA ASN A 59 7.53 20.31 17.17
C ASN A 59 7.29 18.81 17.00
N TYR A 60 7.11 18.13 18.12
CA TYR A 60 7.04 16.68 18.12
C TYR A 60 5.75 16.22 18.78
N ASN A 61 5.32 15.03 18.39
CA ASN A 61 4.25 14.34 19.12
C ASN A 61 4.74 14.04 20.54
N PRO A 62 4.03 14.49 21.57
CA PRO A 62 4.52 14.30 22.95
C PRO A 62 4.68 12.85 23.36
N SER A 63 4.07 11.90 22.67
CA SER A 63 4.28 10.51 23.02
C SER A 63 5.53 9.94 22.36
N LEU A 64 6.13 10.65 21.42
CA LEU A 64 7.39 10.24 20.80
C LEU A 64 8.53 11.19 21.13
N LYS A 65 8.26 12.29 21.84
CA LYS A 65 9.22 13.36 22.04
C LYS A 65 10.54 12.84 22.58
N SER A 66 10.50 11.90 23.53
CA SER A 66 11.72 11.43 24.17
C SER A 66 12.60 10.59 23.25
N ARG A 67 12.09 10.15 22.10
CA ARG A 67 12.85 9.25 21.24
C ARG A 67 13.12 9.81 19.85
N VAL A 68 12.48 10.91 19.46
CA VAL A 68 12.49 11.38 18.09
C VAL A 68 13.40 12.58 17.95
N THR A 69 14.17 12.61 16.86
CA THR A 69 14.92 13.79 16.44
C THR A 69 14.65 14.00 14.95
N ILE A 70 14.22 15.19 14.57
CA ILE A 70 14.04 15.57 13.18
C ILE A 70 15.07 16.64 12.84
N SER A 71 15.66 16.52 11.65
CA SER A 71 16.75 17.38 11.23
C SER A 71 16.57 17.78 9.77
N VAL A 72 17.22 18.88 9.41
CA VAL A 72 17.12 19.44 8.07
C VAL A 72 18.53 19.71 7.55
N ASP A 73 18.68 19.58 6.23
CA ASP A 73 19.98 19.81 5.58
C ASP A 73 19.73 20.63 4.33
N LYS A 74 20.07 21.92 4.39
CA LYS A 74 19.77 22.81 3.29
C LYS A 74 20.65 22.55 2.08
N SER A 75 21.90 22.14 2.28
CA SER A 75 22.78 21.91 1.14
C SER A 75 22.31 20.70 0.33
N LYS A 76 22.07 19.56 0.99
CA LYS A 76 21.57 18.39 0.27
C LYS A 76 20.09 18.52 -0.11
N ASN A 77 19.40 19.55 0.37
CA ASN A 77 17.98 19.78 0.09
C ASN A 77 17.12 18.59 0.54
N GLN A 78 17.27 18.22 1.81
CA GLN A 78 16.58 17.06 2.37
C GLN A 78 16.38 17.27 3.86
N PHE A 79 15.41 16.55 4.43
CA PHE A 79 15.24 16.49 5.88
C PHE A 79 15.18 15.03 6.30
N SER A 80 15.20 14.79 7.61
CA SER A 80 15.48 13.45 8.11
C SER A 80 14.76 13.20 9.43
N LEU A 81 14.70 11.93 9.82
CA LEU A 81 14.09 11.49 11.07
C LEU A 81 14.97 10.42 11.71
N LYS A 82 15.13 10.52 13.03
CA LYS A 82 15.75 9.48 13.83
C LYS A 82 14.83 9.11 14.98
N LEU A 83 14.58 7.81 15.14
CA LEU A 83 13.74 7.28 16.21
C LEU A 83 14.57 6.24 16.98
N SER A 84 14.92 6.55 18.22
CA SER A 84 15.78 5.67 19.00
C SER A 84 14.96 4.71 19.86
N SER A 85 15.66 3.74 20.45
CA SER A 85 15.03 2.72 21.30
C SER A 85 13.77 2.12 20.65
N VAL A 86 13.90 1.68 19.39
CA VAL A 86 12.72 1.22 18.68
C VAL A 86 12.26 -0.13 19.23
N THR A 87 10.94 -0.36 19.20
CA THR A 87 10.35 -1.65 19.52
C THR A 87 9.39 -2.09 18.41
N ALA A 88 8.68 -3.20 18.64
CA ALA A 88 7.78 -3.72 17.62
C ALA A 88 6.64 -2.77 17.33
N ALA A 89 6.24 -1.95 18.31
CA ALA A 89 5.22 -0.94 18.09
C ALA A 89 5.65 0.09 17.04
N ASP A 90 6.95 0.23 16.79
CA ASP A 90 7.42 1.22 15.82
C ASP A 90 7.44 0.67 14.41
N THR A 91 7.07 -0.59 14.21
CA THR A 91 6.88 -1.14 12.87
C THR A 91 5.70 -0.44 12.20
N ALA A 92 5.94 0.19 11.06
CA ALA A 92 4.91 1.01 10.42
C ALA A 92 5.44 1.47 9.06
N VAL A 93 4.54 2.04 8.29
CA VAL A 93 4.92 2.81 7.10
C VAL A 93 5.16 4.25 7.54
N TYR A 94 6.30 4.81 7.16
CA TYR A 94 6.66 6.17 7.49
C TYR A 94 6.54 7.05 6.24
N TYR A 95 5.71 8.08 6.32
CA TYR A 95 5.55 9.06 5.25
C TYR A 95 6.21 10.36 5.66
N CYS A 96 6.90 10.99 4.70
CA CYS A 96 7.24 12.40 4.84
C CYS A 96 6.18 13.21 4.11
N ALA A 97 5.97 14.45 4.58
CA ALA A 97 4.93 15.29 4.02
C ALA A 97 5.34 16.75 4.17
N ARG A 98 4.53 17.63 3.59
CA ARG A 98 4.77 19.06 3.62
C ARG A 98 3.51 19.75 4.14
N ALA A 99 3.69 20.67 5.08
CA ALA A 99 2.61 21.50 5.54
C ALA A 99 2.96 22.95 5.28
N PRO A 100 2.06 23.74 4.72
CA PRO A 100 2.34 25.18 4.53
C PRO A 100 2.43 25.88 5.88
N PRO A 101 2.97 27.10 5.92
CA PRO A 101 2.93 27.88 7.16
C PRO A 101 1.50 27.94 7.68
N TYR A 102 1.38 27.84 9.02
CA TYR A 102 0.08 27.74 9.66
C TYR A 102 0.11 28.59 10.92
N CYS A 103 -1.08 28.96 11.38
CA CYS A 103 -1.23 29.62 12.66
C CYS A 103 -2.58 29.17 13.22
N THR A 104 -2.54 28.26 14.19
CA THR A 104 -3.75 27.63 14.69
C THR A 104 -4.13 28.08 16.09
N SER A 105 -3.17 28.60 16.86
CA SER A 105 -3.45 29.13 18.19
C SER A 105 -4.47 30.26 18.15
N ALA A 106 -5.12 30.48 19.30
CA ALA A 106 -6.07 31.58 19.41
C ALA A 106 -5.38 32.94 19.51
N SER A 107 -4.09 32.96 19.84
CA SER A 107 -3.31 34.19 19.87
C SER A 107 -2.83 34.62 18.49
N CYS A 108 -3.22 33.91 17.45
CA CYS A 108 -2.81 34.26 16.10
C CYS A 108 -3.60 35.48 15.62
N PRO A 109 -2.95 36.49 15.04
CA PRO A 109 -3.71 37.60 14.45
C PRO A 109 -4.47 37.19 13.20
N ASP A 110 -3.91 36.29 12.40
CA ASP A 110 -4.54 35.77 11.21
C ASP A 110 -5.13 34.39 11.50
N ASP A 111 -6.32 34.12 10.97
CA ASP A 111 -6.95 32.82 11.16
C ASP A 111 -7.04 32.00 9.88
N TYR A 112 -6.54 32.52 8.76
CA TYR A 112 -6.64 31.83 7.49
C TYR A 112 -5.40 31.02 7.14
N TYR A 113 -4.38 31.00 8.01
CA TYR A 113 -3.20 30.13 7.82
C TYR A 113 -3.51 28.75 8.43
N TYR A 114 -4.40 28.04 7.75
CA TYR A 114 -4.84 26.75 8.21
C TYR A 114 -3.67 25.76 8.23
N TYR A 115 -3.79 24.75 9.10
CA TYR A 115 -2.83 23.65 9.15
C TYR A 115 -3.36 22.47 8.34
N TYR A 116 -2.55 21.99 7.39
CA TYR A 116 -2.87 20.79 6.63
C TYR A 116 -1.59 20.30 5.95
N MET A 117 -1.63 19.06 5.48
CA MET A 117 -0.51 18.43 4.77
C MET A 117 -0.97 18.09 3.36
N ASP A 118 -0.53 18.88 2.37
CA ASP A 118 -1.04 18.74 1.01
C ASP A 118 -0.17 17.82 0.16
N VAL A 119 1.12 17.75 0.43
CA VAL A 119 2.06 16.95 -0.33
C VAL A 119 2.54 15.83 0.57
N TRP A 120 2.45 14.60 0.07
CA TRP A 120 2.91 13.42 0.79
C TRP A 120 3.92 12.65 -0.05
N GLY A 121 4.88 12.03 0.64
CA GLY A 121 5.74 11.07 -0.01
C GLY A 121 5.01 9.77 -0.28
N LYS A 122 5.73 8.84 -0.89
CA LYS A 122 5.17 7.51 -1.16
C LYS A 122 5.20 6.61 0.08
N GLY A 123 5.99 6.94 1.08
CA GLY A 123 6.05 6.10 2.27
C GLY A 123 7.17 5.08 2.18
N THR A 124 7.69 4.72 3.35
CA THR A 124 8.70 3.69 3.44
C THR A 124 8.37 2.76 4.59
N THR A 125 8.52 1.46 4.35
CA THR A 125 8.15 0.43 5.31
C THR A 125 9.35 0.10 6.19
N VAL A 126 9.21 0.31 7.49
CA VAL A 126 10.22 -0.04 8.48
C VAL A 126 9.70 -1.20 9.32
N THR A 127 10.53 -2.23 9.49
CA THR A 127 10.21 -3.38 10.32
C THR A 127 11.25 -3.52 11.42
N VAL A 128 10.78 -3.72 12.64
CA VAL A 128 11.63 -3.88 13.81
C VAL A 128 11.64 -5.35 14.18
N SER A 129 12.78 -6.01 14.02
CA SER A 129 12.86 -7.45 14.22
C SER A 129 14.31 -7.87 14.42
N GLY A 130 14.53 -8.81 15.33
CA GLY A 130 15.83 -9.42 15.51
C GLY A 130 16.19 -10.45 14.45
N ALA A 131 15.25 -10.79 13.56
CA ALA A 131 15.59 -11.72 12.50
C ALA A 131 16.49 -11.03 11.48
N SER A 132 17.11 -11.83 10.62
CA SER A 132 18.03 -11.29 9.64
C SER A 132 17.31 -11.03 8.32
N THR A 133 17.90 -10.12 7.54
CA THR A 133 17.35 -9.80 6.24
C THR A 133 17.75 -10.85 5.21
N LYS A 134 16.85 -11.14 4.27
CA LYS A 134 17.12 -12.12 3.22
C LYS A 134 16.51 -11.63 1.92
N GLY A 135 17.33 -11.54 0.88
CA GLY A 135 16.90 -11.12 -0.43
C GLY A 135 16.15 -12.19 -1.18
N PRO A 136 15.44 -11.79 -2.22
CA PRO A 136 14.56 -12.71 -2.94
C PRO A 136 15.23 -13.46 -4.09
N SER A 137 14.69 -14.64 -4.37
CA SER A 137 14.98 -15.37 -5.59
C SER A 137 13.85 -15.09 -6.56
N VAL A 138 14.18 -14.62 -7.76
CA VAL A 138 13.19 -14.21 -8.75
C VAL A 138 13.17 -15.22 -9.89
N PHE A 139 11.97 -15.63 -10.29
CA PHE A 139 11.82 -16.57 -11.38
C PHE A 139 10.78 -16.05 -12.37
N PRO A 140 10.95 -16.35 -13.65
CA PRO A 140 9.99 -15.85 -14.65
C PRO A 140 8.76 -16.73 -14.72
N LEU A 141 7.61 -16.08 -14.89
CA LEU A 141 6.37 -16.80 -15.18
C LEU A 141 6.09 -16.58 -16.66
N ALA A 142 6.59 -17.53 -17.48
CA ALA A 142 6.61 -17.44 -18.92
C ALA A 142 5.20 -17.54 -19.49
N PRO A 143 4.90 -16.78 -20.54
CA PRO A 143 3.61 -16.92 -21.22
C PRO A 143 3.64 -18.09 -22.18
N SER A 144 2.47 -18.70 -22.36
CA SER A 144 2.32 -19.87 -23.22
C SER A 144 0.87 -19.95 -23.64
N SER A 145 0.51 -21.05 -24.29
CA SER A 145 -0.88 -21.26 -24.71
C SER A 145 -1.80 -21.45 -23.51
N LYS A 146 -1.28 -22.00 -22.41
CA LYS A 146 -2.10 -22.23 -21.22
C LYS A 146 -2.13 -21.02 -20.31
N SER A 147 -1.51 -19.91 -20.72
CA SER A 147 -1.69 -18.62 -20.09
C SER A 147 -2.29 -17.60 -21.05
N THR A 148 -2.67 -18.00 -22.26
CA THR A 148 -3.33 -17.11 -23.22
C THR A 148 -4.82 -17.43 -23.26
N SER A 149 -5.64 -16.39 -23.18
CA SER A 149 -7.09 -16.50 -23.28
C SER A 149 -7.55 -15.54 -24.39
N GLY A 150 -7.75 -16.07 -25.59
CA GLY A 150 -8.19 -15.23 -26.70
C GLY A 150 -7.11 -14.25 -27.09
N GLY A 151 -7.50 -12.98 -27.23
CA GLY A 151 -6.54 -11.96 -27.57
C GLY A 151 -5.73 -11.41 -26.42
N THR A 152 -5.84 -12.03 -25.24
CA THR A 152 -5.13 -11.61 -24.03
C THR A 152 -4.24 -12.73 -23.53
N ALA A 153 -3.04 -12.38 -23.06
CA ALA A 153 -2.13 -13.35 -22.47
C ALA A 153 -1.57 -12.82 -21.17
N ALA A 154 -1.22 -13.76 -20.27
CA ALA A 154 -0.64 -13.42 -18.98
C ALA A 154 0.81 -13.89 -18.92
N LEU A 155 1.64 -13.04 -18.32
CA LEU A 155 3.03 -13.37 -18.02
C LEU A 155 3.39 -12.64 -16.74
N GLY A 156 4.40 -13.13 -16.04
CA GLY A 156 4.72 -12.49 -14.77
C GLY A 156 6.06 -12.90 -14.22
N CYS A 157 6.26 -12.54 -12.95
CA CYS A 157 7.48 -12.83 -12.19
C CYS A 157 7.10 -13.31 -10.79
N LEU A 158 7.71 -14.40 -10.37
CA LEU A 158 7.58 -14.93 -9.02
C LEU A 158 8.75 -14.42 -8.19
N VAL A 159 8.46 -13.87 -7.01
CA VAL A 159 9.48 -13.31 -6.13
C VAL A 159 9.42 -14.10 -4.82
N LYS A 160 10.34 -15.04 -4.65
CA LYS A 160 10.27 -16.03 -3.58
C LYS A 160 11.20 -15.70 -2.41
N ASP A 161 10.69 -15.93 -1.19
CA ASP A 161 11.49 -16.10 0.01
C ASP A 161 12.32 -14.88 0.37
N TYR A 162 11.68 -13.83 0.86
CA TYR A 162 12.38 -12.60 1.21
C TYR A 162 11.88 -12.12 2.57
N PHE A 163 12.69 -11.27 3.21
CA PHE A 163 12.36 -10.71 4.51
C PHE A 163 13.22 -9.49 4.73
N PRO A 164 12.67 -8.40 5.30
CA PRO A 164 11.23 -8.26 5.57
C PRO A 164 10.50 -7.69 4.37
N GLU A 165 9.24 -7.30 4.58
CA GLU A 165 8.53 -6.52 3.58
C GLU A 165 9.18 -5.14 3.45
N PRO A 166 9.01 -4.46 2.30
CA PRO A 166 8.23 -4.87 1.12
C PRO A 166 9.12 -5.15 -0.07
N VAL A 167 8.53 -5.71 -1.11
CA VAL A 167 9.12 -5.78 -2.44
C VAL A 167 8.21 -4.96 -3.35
N THR A 168 8.81 -4.10 -4.19
CA THR A 168 8.07 -3.43 -5.25
C THR A 168 8.56 -3.93 -6.60
N VAL A 169 7.63 -4.01 -7.55
CA VAL A 169 7.90 -4.55 -8.89
C VAL A 169 7.38 -3.55 -9.93
N SER A 170 8.23 -3.24 -10.91
CA SER A 170 7.82 -2.51 -12.10
C SER A 170 8.19 -3.31 -13.34
N TRP A 171 7.71 -2.86 -14.50
CA TRP A 171 7.92 -3.56 -15.75
C TRP A 171 8.54 -2.64 -16.79
N ASN A 172 9.59 -3.14 -17.45
CA ASN A 172 10.33 -2.40 -18.48
C ASN A 172 10.81 -1.04 -17.97
N SER A 173 11.26 -1.01 -16.72
CA SER A 173 11.81 0.17 -16.08
C SER A 173 10.79 1.32 -16.03
N GLY A 174 9.52 0.98 -15.93
CA GLY A 174 8.45 1.95 -15.85
C GLY A 174 7.76 2.24 -17.17
N ALA A 175 8.27 1.71 -18.28
CA ALA A 175 7.68 1.95 -19.59
C ALA A 175 6.52 1.02 -19.91
N LEU A 176 6.02 0.28 -18.91
CA LEU A 176 4.83 -0.56 -19.08
C LEU A 176 4.07 -0.54 -17.76
N THR A 177 2.87 0.04 -17.78
CA THR A 177 2.02 0.09 -16.60
C THR A 177 0.60 -0.36 -16.84
N SER A 178 0.11 -0.32 -18.07
CA SER A 178 -1.22 -0.83 -18.37
C SER A 178 -1.22 -2.36 -18.27
N GLY A 179 -2.18 -2.89 -17.53
CA GLY A 179 -2.30 -4.32 -17.34
C GLY A 179 -1.45 -4.91 -16.24
N VAL A 180 -0.70 -4.07 -15.51
CA VAL A 180 0.22 -4.56 -14.47
C VAL A 180 -0.54 -4.76 -13.18
N HIS A 181 -0.34 -5.92 -12.56
CA HIS A 181 -0.97 -6.23 -11.28
C HIS A 181 0.04 -6.99 -10.42
N THR A 182 0.56 -6.33 -9.39
CA THR A 182 1.44 -6.95 -8.41
C THR A 182 0.58 -7.39 -7.23
N PHE A 183 0.58 -8.68 -6.92
CA PHE A 183 -0.29 -9.21 -5.89
C PHE A 183 0.35 -9.05 -4.50
N PRO A 184 -0.46 -8.93 -3.46
CA PRO A 184 0.09 -8.90 -2.11
C PRO A 184 0.76 -10.21 -1.74
N ALA A 185 1.80 -10.10 -0.92
CA ALA A 185 2.64 -11.24 -0.57
C ALA A 185 1.92 -12.18 0.38
N VAL A 186 2.43 -13.41 0.45
CA VAL A 186 2.01 -14.39 1.44
C VAL A 186 3.12 -14.55 2.46
N LEU A 187 2.74 -14.70 3.73
CA LEU A 187 3.68 -14.97 4.82
C LEU A 187 3.74 -16.49 5.01
N GLN A 188 4.79 -17.11 4.51
CA GLN A 188 4.91 -18.56 4.55
C GLN A 188 5.18 -19.06 5.97
N SER A 189 5.12 -20.38 6.11
CA SER A 189 5.34 -21.01 7.41
C SER A 189 6.73 -20.73 7.95
N SER A 190 7.72 -20.59 7.07
CA SER A 190 9.09 -20.33 7.49
C SER A 190 9.29 -18.91 8.01
N GLY A 191 8.29 -18.04 7.91
CA GLY A 191 8.46 -16.64 8.26
C GLY A 191 8.89 -15.76 7.11
N LEU A 192 9.15 -16.32 5.93
CA LEU A 192 9.52 -15.57 4.74
C LEU A 192 8.29 -15.21 3.92
N TYR A 193 8.44 -14.16 3.10
CA TYR A 193 7.40 -13.69 2.19
C TYR A 193 7.69 -14.13 0.76
N SER A 194 6.62 -14.17 -0.04
CA SER A 194 6.69 -14.37 -1.48
C SER A 194 5.53 -13.65 -2.12
N LEU A 195 5.75 -13.09 -3.31
CA LEU A 195 4.67 -12.47 -4.06
C LEU A 195 4.89 -12.70 -5.55
N SER A 196 3.86 -12.43 -6.32
CA SER A 196 3.95 -12.48 -7.77
C SER A 196 3.45 -11.18 -8.36
N SER A 197 3.94 -10.87 -9.56
CA SER A 197 3.50 -9.72 -10.34
C SER A 197 3.18 -10.22 -11.74
N VAL A 198 2.07 -9.77 -12.29
CA VAL A 198 1.58 -10.28 -13.55
C VAL A 198 1.18 -9.13 -14.44
N VAL A 199 1.42 -9.29 -15.74
CA VAL A 199 0.98 -8.31 -16.73
C VAL A 199 0.17 -9.03 -17.79
N THR A 200 -1.01 -8.52 -18.08
CA THR A 200 -1.82 -9.03 -19.18
C THR A 200 -1.55 -8.18 -20.41
N VAL A 201 -1.28 -8.85 -21.53
CA VAL A 201 -0.80 -8.18 -22.73
C VAL A 201 -1.55 -8.79 -23.92
N PRO A 202 -1.64 -8.05 -25.04
CA PRO A 202 -2.19 -8.66 -26.26
C PRO A 202 -1.34 -9.85 -26.68
N SER A 203 -2.02 -10.95 -27.03
CA SER A 203 -1.28 -12.19 -27.29
C SER A 203 -0.51 -12.14 -28.61
N SER A 204 -0.82 -11.19 -29.49
CA SER A 204 0.00 -10.97 -30.67
C SER A 204 1.32 -10.27 -30.36
N SER A 205 1.49 -9.72 -29.16
CA SER A 205 2.76 -9.12 -28.79
C SER A 205 3.74 -10.13 -28.20
N LEU A 206 3.31 -11.37 -27.98
CA LEU A 206 4.21 -12.39 -27.44
C LEU A 206 5.30 -12.69 -28.46
N GLY A 207 6.56 -12.47 -28.08
CA GLY A 207 7.68 -12.70 -28.96
C GLY A 207 8.07 -11.51 -29.81
N THR A 208 7.27 -10.43 -29.82
CA THR A 208 7.57 -9.25 -30.60
C THR A 208 7.89 -8.03 -29.75
N GLN A 209 7.81 -8.15 -28.43
CA GLN A 209 8.14 -7.07 -27.53
C GLN A 209 8.82 -7.66 -26.30
N THR A 210 9.78 -6.92 -25.75
CA THR A 210 10.53 -7.41 -24.61
C THR A 210 9.82 -7.08 -23.32
N TYR A 211 9.77 -8.07 -22.42
CA TYR A 211 9.17 -7.92 -21.10
C TYR A 211 10.22 -8.23 -20.04
N ILE A 212 10.48 -7.25 -19.17
CA ILE A 212 11.46 -7.36 -18.10
C ILE A 212 10.80 -6.86 -16.83
N CYS A 213 10.79 -7.68 -15.78
CA CYS A 213 10.25 -7.23 -14.51
C CYS A 213 11.41 -6.74 -13.65
N ASN A 214 11.23 -5.56 -13.06
CA ASN A 214 12.26 -4.92 -12.24
C ASN A 214 11.86 -5.11 -10.77
N VAL A 215 12.49 -6.09 -10.11
CA VAL A 215 12.19 -6.41 -8.73
C VAL A 215 13.18 -5.65 -7.83
N ASN A 216 12.64 -4.90 -6.88
CA ASN A 216 13.45 -4.17 -5.91
C ASN A 216 13.09 -4.65 -4.51
N HIS A 217 14.10 -5.06 -3.75
CA HIS A 217 13.94 -5.38 -2.34
C HIS A 217 14.91 -4.49 -1.60
N LYS A 218 14.44 -3.30 -1.23
CA LYS A 218 15.30 -2.31 -0.59
C LYS A 218 15.87 -2.77 0.75
N PRO A 219 15.13 -3.46 1.63
CA PRO A 219 15.73 -3.87 2.91
C PRO A 219 16.99 -4.70 2.78
N SER A 220 17.20 -5.43 1.69
CA SER A 220 18.46 -6.13 1.49
C SER A 220 19.31 -5.50 0.39
N ASN A 221 18.95 -4.31 -0.08
CA ASN A 221 19.71 -3.61 -1.13
C ASN A 221 19.90 -4.52 -2.36
N THR A 222 18.82 -5.15 -2.80
CA THR A 222 18.86 -6.10 -3.91
C THR A 222 17.88 -5.66 -4.97
N LYS A 223 18.37 -5.54 -6.21
CA LYS A 223 17.51 -5.37 -7.37
C LYS A 223 17.77 -6.51 -8.34
N VAL A 224 16.71 -7.00 -8.99
CA VAL A 224 16.80 -8.08 -9.97
C VAL A 224 15.91 -7.72 -11.16
N ASP A 225 16.52 -7.53 -12.33
CA ASP A 225 15.77 -7.35 -13.58
C ASP A 225 15.70 -8.72 -14.25
N LYS A 226 14.49 -9.25 -14.40
CA LYS A 226 14.27 -10.60 -14.91
C LYS A 226 13.62 -10.54 -16.27
N ARG A 227 14.25 -11.19 -17.24
CA ARG A 227 13.73 -11.27 -18.60
C ARG A 227 12.68 -12.37 -18.67
N VAL A 228 11.48 -12.04 -19.14
CA VAL A 228 10.38 -12.98 -19.24
C VAL A 228 10.11 -13.24 -20.71
N GLU A 229 10.22 -14.50 -21.12
CA GLU A 229 10.10 -14.88 -22.52
C GLU A 229 9.11 -16.01 -22.68
N PRO A 230 8.50 -16.15 -23.87
CA PRO A 230 7.50 -17.20 -24.06
C PRO A 230 8.12 -18.58 -24.04
N LYS A 231 7.33 -19.55 -23.57
CA LYS A 231 7.73 -20.95 -23.56
C LYS A 231 7.81 -21.50 -24.98
N GLU B 5 -11.17 12.40 22.73
CA GLU B 5 -10.16 13.10 21.94
C GLU B 5 -10.72 13.56 20.60
N LEU B 6 -10.53 12.75 19.56
CA LEU B 6 -11.06 13.02 18.22
C LEU B 6 -11.68 11.73 17.72
N THR B 7 -13.00 11.61 17.82
CA THR B 7 -13.68 10.36 17.53
C THR B 7 -14.44 10.45 16.22
N GLN B 8 -14.37 9.36 15.44
CA GLN B 8 -15.23 9.20 14.27
C GLN B 8 -15.65 7.74 14.18
N ASP B 9 -16.74 7.50 13.45
CA ASP B 9 -17.22 6.14 13.23
C ASP B 9 -16.20 5.35 12.41
N PRO B 10 -15.82 4.14 12.82
CA PRO B 10 -14.86 3.37 12.02
C PRO B 10 -15.43 2.84 10.72
N ALA B 11 -16.75 2.62 10.63
CA ALA B 11 -17.35 2.02 9.44
C ALA B 11 -18.63 2.77 9.10
N VAL B 12 -18.77 3.14 7.82
CA VAL B 12 -19.95 3.82 7.29
C VAL B 12 -20.21 3.31 5.88
N SER B 13 -21.48 3.02 5.57
CA SER B 13 -21.88 2.58 4.23
C SER B 13 -22.70 3.65 3.53
N VAL B 14 -22.64 3.65 2.20
CA VAL B 14 -23.52 4.50 1.39
C VAL B 14 -23.75 3.80 0.06
N ALA B 15 -24.96 3.94 -0.46
CA ALA B 15 -25.26 3.39 -1.78
C ALA B 15 -24.78 4.34 -2.86
N LEU B 16 -24.38 3.75 -3.99
CA LEU B 16 -23.95 4.51 -5.15
C LEU B 16 -24.96 5.60 -5.49
N GLY B 17 -24.44 6.78 -5.86
CA GLY B 17 -25.28 7.89 -6.27
C GLY B 17 -25.94 8.64 -5.14
N GLN B 18 -25.89 8.13 -3.91
CA GLN B 18 -26.49 8.79 -2.75
C GLN B 18 -25.45 9.64 -2.00
N THR B 19 -25.92 10.36 -1.00
CA THR B 19 -25.11 11.28 -0.24
C THR B 19 -24.77 10.68 1.12
N VAL B 20 -23.52 10.89 1.57
CA VAL B 20 -23.06 10.40 2.87
C VAL B 20 -22.36 11.53 3.62
N ARG B 21 -22.55 11.55 4.94
CA ARG B 21 -21.86 12.48 5.82
C ARG B 21 -20.99 11.69 6.78
N ILE B 22 -19.72 12.08 6.89
CA ILE B 22 -18.76 11.47 7.80
C ILE B 22 -18.42 12.52 8.85
N THR B 23 -18.66 12.19 10.12
CA THR B 23 -18.52 13.17 11.19
C THR B 23 -17.28 12.90 12.03
N CYS B 24 -16.74 13.97 12.59
CA CYS B 24 -15.57 13.98 13.46
C CYS B 24 -15.92 14.87 14.64
N GLN B 25 -15.68 14.38 15.85
CA GLN B 25 -16.15 15.08 17.05
C GLN B 25 -15.06 15.12 18.10
N GLY B 26 -14.80 16.31 18.65
CA GLY B 26 -13.80 16.46 19.69
C GLY B 26 -13.54 17.90 20.08
N ASP B 27 -13.07 18.10 21.32
CA ASP B 27 -12.88 19.45 21.86
C ASP B 27 -11.84 20.26 21.09
N SER B 28 -10.91 19.60 20.41
CA SER B 28 -9.91 20.31 19.62
C SER B 28 -10.50 20.95 18.36
N LEU B 29 -11.71 20.55 17.96
CA LEU B 29 -12.34 21.17 16.80
C LEU B 29 -12.94 22.53 17.11
N ARG B 30 -13.15 22.86 18.39
CA ARG B 30 -13.70 24.16 18.75
C ARG B 30 -12.74 25.28 18.36
N GLY B 31 -13.18 26.17 17.48
CA GLY B 31 -12.35 27.27 17.01
C GLY B 31 -11.32 26.90 15.99
N TYR B 32 -11.37 25.68 15.47
CA TYR B 32 -10.33 25.13 14.61
C TYR B 32 -10.93 24.83 13.24
N TYR B 33 -10.09 24.91 12.21
CA TYR B 33 -10.50 24.63 10.83
C TYR B 33 -9.93 23.28 10.42
N ALA B 34 -10.78 22.25 10.45
CA ALA B 34 -10.35 20.87 10.24
C ALA B 34 -9.88 20.62 8.81
N SER B 35 -9.10 19.56 8.66
CA SER B 35 -8.72 19.03 7.35
C SER B 35 -9.02 17.54 7.30
N TRP B 36 -9.18 17.02 6.08
CA TRP B 36 -9.66 15.66 5.85
C TRP B 36 -8.79 14.97 4.81
N TYR B 37 -8.55 13.68 5.03
CA TYR B 37 -7.61 12.92 4.21
C TYR B 37 -8.28 11.64 3.74
N GLN B 38 -8.07 11.32 2.47
CA GLN B 38 -8.55 10.09 1.85
C GLN B 38 -7.36 9.17 1.64
N GLN B 39 -7.54 7.88 1.96
CA GLN B 39 -6.51 6.88 1.73
C GLN B 39 -7.12 5.62 1.15
N LYS B 40 -6.58 5.17 0.03
CA LYS B 40 -6.94 3.88 -0.56
C LYS B 40 -5.87 2.85 -0.25
N PRO B 41 -6.21 1.56 -0.25
CA PRO B 41 -5.22 0.52 0.07
C PRO B 41 -3.99 0.59 -0.81
N GLY B 42 -2.83 0.48 -0.19
CA GLY B 42 -1.58 0.52 -0.91
C GLY B 42 -1.14 1.89 -1.38
N GLN B 43 -1.75 2.96 -0.87
CA GLN B 43 -1.45 4.32 -1.30
C GLN B 43 -1.28 5.22 -0.10
N ALA B 44 -0.62 6.35 -0.32
CA ALA B 44 -0.47 7.43 0.65
C ALA B 44 -1.78 8.19 0.82
N PRO B 45 -1.93 8.90 1.96
CA PRO B 45 -3.12 9.74 2.13
C PRO B 45 -3.13 10.91 1.15
N VAL B 46 -4.34 11.35 0.80
CA VAL B 46 -4.54 12.50 -0.08
C VAL B 46 -5.46 13.48 0.62
N LEU B 47 -5.01 14.73 0.72
CA LEU B 47 -5.83 15.80 1.27
C LEU B 47 -7.05 16.03 0.39
N VAL B 48 -8.26 15.95 0.96
CA VAL B 48 -9.47 16.25 0.20
C VAL B 48 -10.14 17.54 0.65
N ILE B 49 -10.02 17.92 1.92
CA ILE B 49 -10.60 19.15 2.43
C ILE B 49 -9.59 19.75 3.40
N TYR B 50 -9.34 21.06 3.30
CA TYR B 50 -8.55 21.78 4.28
C TYR B 50 -9.28 23.05 4.66
N GLY B 51 -8.88 23.64 5.79
CA GLY B 51 -9.50 24.86 6.27
C GLY B 51 -11.01 24.80 6.34
N LYS B 52 -11.54 23.72 6.93
CA LYS B 52 -12.96 23.47 7.14
C LYS B 52 -13.68 23.04 5.86
N ASN B 53 -13.54 23.81 4.77
CA ASN B 53 -14.38 23.55 3.60
C ASN B 53 -13.73 23.85 2.25
N ASN B 54 -12.42 24.00 2.16
CA ASN B 54 -11.76 24.29 0.90
C ASN B 54 -11.25 23.00 0.26
N ARG B 55 -11.41 22.90 -1.05
CA ARG B 55 -10.93 21.75 -1.83
C ARG B 55 -9.66 22.10 -2.60
N PRO B 56 -8.66 21.23 -2.57
CA PRO B 56 -7.53 21.37 -3.50
C PRO B 56 -8.01 21.25 -4.94
N SER B 57 -7.15 21.67 -5.87
CA SER B 57 -7.51 21.78 -7.28
C SER B 57 -8.00 20.46 -7.85
N GLY B 58 -7.37 19.35 -7.50
CA GLY B 58 -7.70 18.11 -8.15
C GLY B 58 -8.90 17.37 -7.63
N ILE B 59 -9.53 17.85 -6.56
CA ILE B 59 -10.56 17.10 -5.85
C ILE B 59 -11.92 17.41 -6.47
N PRO B 60 -12.74 16.39 -6.75
CA PRO B 60 -14.06 16.64 -7.32
C PRO B 60 -14.94 17.49 -6.39
N ASP B 61 -15.78 18.31 -7.01
CA ASP B 61 -16.71 19.20 -6.33
C ASP B 61 -17.75 18.48 -5.46
N ARG B 62 -17.94 17.17 -5.64
CA ARG B 62 -18.87 16.46 -4.78
C ARG B 62 -18.35 16.29 -3.35
N PHE B 63 -17.08 16.59 -3.08
CA PHE B 63 -16.55 16.62 -1.73
C PHE B 63 -16.74 18.00 -1.11
N SER B 64 -17.22 18.05 0.12
CA SER B 64 -17.35 19.33 0.81
C SER B 64 -17.26 19.11 2.31
N GLY B 65 -17.10 20.20 3.05
CA GLY B 65 -16.88 20.10 4.47
C GLY B 65 -17.61 21.20 5.21
N SER B 66 -17.83 20.96 6.49
CA SER B 66 -18.41 21.96 7.38
C SER B 66 -18.01 21.60 8.81
N SER B 67 -18.37 22.49 9.74
CA SER B 67 -18.08 22.29 11.14
C SER B 67 -18.84 23.33 11.95
N SER B 68 -19.22 22.95 13.16
CA SER B 68 -19.77 23.87 14.13
C SER B 68 -19.40 23.32 15.51
N GLY B 69 -18.93 24.19 16.40
CA GLY B 69 -18.57 23.75 17.74
C GLY B 69 -17.56 22.61 17.70
N ASN B 70 -17.89 21.51 18.36
CA ASN B 70 -17.00 20.37 18.52
C ASN B 70 -17.16 19.31 17.45
N THR B 71 -17.87 19.59 16.36
CA THR B 71 -18.18 18.57 15.37
C THR B 71 -17.88 19.09 13.98
N ALA B 72 -17.12 18.32 13.20
CA ALA B 72 -16.82 18.62 11.81
C ALA B 72 -17.32 17.48 10.95
N SER B 73 -17.55 17.77 9.67
CA SER B 73 -18.17 16.81 8.78
C SER B 73 -17.58 16.89 7.39
N LEU B 74 -17.43 15.73 6.77
CA LEU B 74 -17.10 15.62 5.35
C LEU B 74 -18.30 15.01 4.65
N THR B 75 -18.77 15.69 3.60
CA THR B 75 -19.94 15.24 2.85
C THR B 75 -19.52 14.94 1.42
N ILE B 76 -19.93 13.77 0.93
CA ILE B 76 -19.73 13.36 -0.45
C ILE B 76 -21.11 13.29 -1.09
N THR B 77 -21.38 14.20 -2.02
CA THR B 77 -22.66 14.20 -2.69
C THR B 77 -22.61 13.27 -3.90
N GLY B 78 -23.65 12.42 -4.05
CA GLY B 78 -23.69 11.45 -5.11
C GLY B 78 -22.43 10.61 -5.22
N ALA B 79 -22.13 9.85 -4.17
CA ALA B 79 -20.87 9.12 -4.07
C ALA B 79 -20.69 8.17 -5.24
N GLN B 80 -19.47 8.13 -5.76
CA GLN B 80 -19.06 7.25 -6.85
C GLN B 80 -18.23 6.10 -6.29
N ALA B 81 -17.99 5.11 -7.15
CA ALA B 81 -17.26 3.91 -6.76
C ALA B 81 -15.86 4.23 -6.29
N GLU B 82 -15.23 5.24 -6.89
CA GLU B 82 -13.85 5.60 -6.55
C GLU B 82 -13.74 6.38 -5.24
N ASP B 83 -14.86 6.71 -4.59
CA ASP B 83 -14.83 7.31 -3.27
C ASP B 83 -14.70 6.27 -2.16
N GLU B 84 -14.77 4.98 -2.49
CA GLU B 84 -14.56 3.93 -1.50
C GLU B 84 -13.14 3.98 -0.97
N ALA B 85 -13.01 4.16 0.34
CA ALA B 85 -11.74 4.51 0.94
C ALA B 85 -11.87 4.72 2.43
N ASP B 86 -10.73 4.96 3.10
CA ASP B 86 -10.69 5.37 4.48
C ASP B 86 -10.55 6.89 4.55
N TYR B 87 -11.26 7.53 5.47
CA TYR B 87 -11.18 8.98 5.64
C TYR B 87 -10.78 9.31 7.06
N TYR B 88 -9.81 10.22 7.19
CA TYR B 88 -9.30 10.68 8.49
C TYR B 88 -9.55 12.18 8.62
N CYS B 89 -10.04 12.59 9.77
CA CYS B 89 -10.07 14.01 10.10
C CYS B 89 -8.79 14.39 10.86
N ASN B 90 -8.49 15.69 10.86
CA ASN B 90 -7.24 16.16 11.42
C ASN B 90 -7.47 17.49 12.13
N SER B 91 -6.87 17.64 13.31
CA SER B 91 -6.79 18.92 13.99
C SER B 91 -5.49 19.01 14.79
N ARG B 92 -5.24 20.19 15.35
CA ARG B 92 -4.18 20.39 16.33
C ARG B 92 -4.81 20.71 17.67
N ASP B 93 -4.31 20.11 18.75
CA ASP B 93 -4.92 20.28 20.06
C ASP B 93 -4.67 21.69 20.61
N SER B 94 -5.62 22.16 21.40
CA SER B 94 -5.59 23.52 21.95
C SER B 94 -4.67 23.66 23.16
N SER B 95 -4.00 22.58 23.59
CA SER B 95 -3.18 22.57 24.77
C SER B 95 -1.72 22.37 24.40
N GLY B 96 -0.85 22.69 25.37
CA GLY B 96 0.58 22.59 25.14
C GLY B 96 1.03 23.40 23.95
N ASN B 97 1.96 22.84 23.19
CA ASN B 97 2.46 23.45 21.97
C ASN B 97 1.62 23.08 20.75
N HIS B 98 0.41 22.56 20.96
CA HIS B 98 -0.57 22.22 19.92
C HIS B 98 -0.05 21.09 19.02
N PRO B 99 -0.02 19.86 19.50
CA PRO B 99 0.37 18.73 18.64
C PRO B 99 -0.75 18.27 17.72
N VAL B 100 -0.36 17.66 16.61
CA VAL B 100 -1.31 17.24 15.58
C VAL B 100 -2.03 15.98 16.03
N VAL B 101 -3.35 15.94 15.82
CA VAL B 101 -4.19 14.82 16.23
C VAL B 101 -5.00 14.33 15.04
N PHE B 102 -4.93 13.03 14.78
CA PHE B 102 -5.72 12.38 13.73
C PHE B 102 -6.90 11.66 14.35
N GLY B 103 -8.05 11.73 13.68
CA GLY B 103 -9.14 10.84 14.02
C GLY B 103 -8.79 9.40 13.75
N GLY B 104 -9.57 8.50 14.37
CA GLY B 104 -9.31 7.06 14.20
C GLY B 104 -9.59 6.55 12.80
N GLY B 105 -10.32 7.30 12.00
CA GLY B 105 -10.55 6.87 10.64
C GLY B 105 -11.95 6.31 10.44
N THR B 106 -12.49 6.55 9.25
CA THR B 106 -13.77 5.99 8.83
C THR B 106 -13.55 5.24 7.54
N LYS B 107 -13.94 3.96 7.51
CA LYS B 107 -13.91 3.18 6.28
C LYS B 107 -15.25 3.35 5.57
N LEU B 108 -15.22 3.83 4.32
CA LEU B 108 -16.43 4.10 3.56
C LEU B 108 -16.67 2.95 2.60
N THR B 109 -17.70 2.16 2.86
CA THR B 109 -18.15 1.16 1.90
C THR B 109 -19.21 1.77 0.98
N VAL B 110 -19.02 1.60 -0.32
CA VAL B 110 -19.97 2.08 -1.31
C VAL B 110 -20.75 0.86 -1.81
N LEU B 111 -22.03 0.78 -1.46
CA LEU B 111 -22.87 -0.35 -1.81
C LEU B 111 -23.37 -0.25 -3.23
N GLY B 112 -23.80 -1.39 -3.76
CA GLY B 112 -24.34 -1.43 -5.11
C GLY B 112 -23.31 -1.54 -6.19
N GLN B 113 -22.10 -1.96 -5.88
CA GLN B 113 -21.11 -2.17 -6.92
C GLN B 113 -21.31 -3.55 -7.54
N PRO B 114 -20.92 -3.74 -8.81
CA PRO B 114 -21.21 -5.01 -9.48
C PRO B 114 -20.39 -6.16 -8.91
N LYS B 115 -21.05 -7.27 -8.63
CA LYS B 115 -20.35 -8.50 -8.33
C LYS B 115 -19.48 -8.91 -9.51
N GLY B 116 -18.50 -9.77 -9.24
CA GLY B 116 -17.70 -10.32 -10.32
C GLY B 116 -17.14 -11.70 -10.03
N ALA B 117 -17.11 -12.57 -11.05
CA ALA B 117 -16.50 -13.88 -10.91
C ALA B 117 -14.97 -13.77 -10.93
N PRO B 118 -14.27 -14.65 -10.21
CA PRO B 118 -12.81 -14.57 -10.17
C PRO B 118 -12.20 -14.94 -11.50
N SER B 119 -11.15 -14.21 -11.87
CA SER B 119 -10.32 -14.50 -13.03
C SER B 119 -9.09 -15.25 -12.54
N VAL B 120 -8.92 -16.49 -12.99
CA VAL B 120 -7.95 -17.41 -12.42
C VAL B 120 -6.90 -17.77 -13.49
N THR B 121 -5.63 -17.50 -13.19
CA THR B 121 -4.52 -17.92 -14.02
C THR B 121 -3.60 -18.80 -13.18
N LEU B 122 -3.19 -19.93 -13.76
CA LEU B 122 -2.36 -20.91 -13.06
C LEU B 122 -1.06 -21.11 -13.83
N PHE B 123 0.07 -20.83 -13.18
CA PHE B 123 1.39 -21.02 -13.79
C PHE B 123 2.06 -22.27 -13.25
N PRO B 124 2.69 -23.05 -14.13
CA PRO B 124 3.48 -24.20 -13.68
C PRO B 124 4.80 -23.71 -13.11
N PRO B 125 5.59 -24.59 -12.49
CA PRO B 125 6.94 -24.17 -12.08
C PRO B 125 7.80 -23.85 -13.30
N SER B 126 8.62 -22.81 -13.19
CA SER B 126 9.48 -22.42 -14.27
C SER B 126 10.67 -23.38 -14.41
N SER B 127 11.18 -23.46 -15.64
CA SER B 127 12.38 -24.28 -15.89
C SER B 127 13.53 -23.85 -14.99
N GLU B 128 13.67 -22.54 -14.75
CA GLU B 128 14.76 -22.05 -13.90
C GLU B 128 14.59 -22.53 -12.46
N GLU B 129 13.36 -22.50 -11.94
CA GLU B 129 13.16 -22.91 -10.55
C GLU B 129 13.38 -24.42 -10.39
N LEU B 130 12.85 -25.22 -11.31
CA LEU B 130 13.10 -26.66 -11.27
C LEU B 130 14.59 -26.97 -11.28
N GLN B 131 15.35 -26.28 -12.13
CA GLN B 131 16.80 -26.49 -12.15
C GLN B 131 17.47 -25.97 -10.88
N ALA B 132 16.82 -25.07 -10.14
CA ALA B 132 17.28 -24.73 -8.80
C ALA B 132 16.75 -25.70 -7.75
N ASN B 133 16.15 -26.81 -8.18
CA ASN B 133 15.71 -27.91 -7.31
C ASN B 133 14.53 -27.52 -6.42
N LYS B 134 13.71 -26.58 -6.89
CA LYS B 134 12.47 -26.22 -6.22
C LYS B 134 11.36 -26.22 -7.25
N ALA B 135 10.12 -26.15 -6.78
CA ALA B 135 8.96 -26.16 -7.67
C ALA B 135 7.80 -25.47 -6.98
N THR B 136 7.24 -24.45 -7.63
CA THR B 136 6.13 -23.68 -7.07
C THR B 136 5.06 -23.51 -8.14
N LEU B 137 3.84 -23.92 -7.83
CA LEU B 137 2.67 -23.63 -8.65
C LEU B 137 2.02 -22.34 -8.17
N VAL B 138 1.71 -21.43 -9.11
CA VAL B 138 1.27 -20.07 -8.79
C VAL B 138 -0.13 -19.85 -9.37
N CYS B 139 -1.13 -19.74 -8.48
CA CYS B 139 -2.52 -19.53 -8.87
C CYS B 139 -2.95 -18.10 -8.53
N LEU B 140 -3.11 -17.28 -9.56
CA LEU B 140 -3.43 -15.87 -9.41
C LEU B 140 -4.92 -15.61 -9.63
N ILE B 141 -5.54 -14.94 -8.66
CA ILE B 141 -6.99 -14.76 -8.60
C ILE B 141 -7.27 -13.27 -8.50
N SER B 142 -8.02 -12.74 -9.46
CA SER B 142 -8.28 -11.31 -9.50
C SER B 142 -9.72 -11.02 -9.89
N ASP B 143 -10.13 -9.78 -9.63
CA ASP B 143 -11.36 -9.22 -10.20
C ASP B 143 -12.61 -9.93 -9.68
N PHE B 144 -12.56 -10.38 -8.44
CA PHE B 144 -13.73 -10.95 -7.80
C PHE B 144 -14.30 -9.98 -6.77
N TYR B 145 -15.63 -9.98 -6.64
CA TYR B 145 -16.35 -9.12 -5.74
C TYR B 145 -17.65 -9.84 -5.38
N PRO B 146 -17.94 -10.03 -4.08
CA PRO B 146 -17.19 -9.54 -2.92
C PRO B 146 -15.85 -10.25 -2.70
N GLY B 147 -15.08 -9.76 -1.74
CA GLY B 147 -13.73 -10.25 -1.52
C GLY B 147 -13.63 -11.39 -0.53
N ALA B 148 -14.40 -12.46 -0.77
CA ALA B 148 -14.32 -13.68 0.04
C ALA B 148 -14.17 -14.87 -0.90
N VAL B 149 -13.12 -15.66 -0.66
CA VAL B 149 -12.76 -16.77 -1.54
C VAL B 149 -12.13 -17.89 -0.72
N THR B 150 -12.23 -19.11 -1.23
CA THR B 150 -11.52 -20.26 -0.71
C THR B 150 -10.86 -21.00 -1.88
N VAL B 151 -9.68 -21.57 -1.62
CA VAL B 151 -8.89 -22.21 -2.68
C VAL B 151 -8.52 -23.62 -2.23
N ALA B 152 -8.75 -24.59 -3.12
CA ALA B 152 -8.35 -25.98 -2.91
C ALA B 152 -7.43 -26.40 -4.05
N TRP B 153 -6.56 -27.37 -3.76
CA TRP B 153 -5.60 -27.86 -4.76
C TRP B 153 -5.81 -29.35 -5.00
N LYS B 154 -5.56 -29.77 -6.24
CA LYS B 154 -5.71 -31.16 -6.64
C LYS B 154 -4.41 -31.65 -7.26
N ALA B 155 -3.99 -32.85 -6.88
CA ALA B 155 -2.94 -33.57 -7.57
C ALA B 155 -3.61 -34.70 -8.36
N ASP B 156 -3.44 -34.66 -9.68
CA ASP B 156 -4.29 -35.43 -10.59
C ASP B 156 -5.75 -35.17 -10.23
N SER B 157 -6.47 -36.17 -9.73
CA SER B 157 -7.81 -35.94 -9.22
C SER B 157 -7.89 -36.13 -7.69
N SER B 158 -6.77 -36.11 -7.00
CA SER B 158 -6.75 -36.26 -5.55
C SER B 158 -6.50 -34.91 -4.88
N PRO B 159 -7.04 -34.71 -3.69
CA PRO B 159 -6.77 -33.47 -2.96
C PRO B 159 -5.35 -33.46 -2.43
N VAL B 160 -4.77 -32.26 -2.42
CA VAL B 160 -3.44 -32.08 -1.84
C VAL B 160 -3.49 -30.82 -0.98
N LYS B 161 -3.17 -30.96 0.31
CA LYS B 161 -3.11 -29.82 1.21
C LYS B 161 -1.72 -29.51 1.72
N ALA B 162 -0.78 -30.44 1.63
CA ALA B 162 0.61 -30.16 1.98
C ALA B 162 1.21 -29.14 1.03
N GLY B 163 1.83 -28.11 1.59
CA GLY B 163 2.55 -27.13 0.79
C GLY B 163 1.71 -26.02 0.21
N VAL B 164 0.47 -25.85 0.69
CA VAL B 164 -0.41 -24.80 0.20
C VAL B 164 -0.24 -23.56 1.06
N GLU B 165 -0.12 -22.40 0.41
CA GLU B 165 -0.11 -21.09 1.07
C GLU B 165 -1.06 -20.18 0.29
N THR B 166 -1.89 -19.43 1.00
CA THR B 166 -2.91 -18.63 0.35
C THR B 166 -3.10 -17.32 1.08
N THR B 167 -3.01 -16.22 0.34
CA THR B 167 -3.17 -14.89 0.91
C THR B 167 -4.64 -14.61 1.23
N THR B 168 -4.84 -13.63 2.10
CA THR B 168 -6.17 -13.07 2.24
C THR B 168 -6.44 -12.09 1.11
N PRO B 169 -7.69 -11.92 0.70
CA PRO B 169 -7.99 -11.01 -0.40
C PRO B 169 -7.55 -9.58 -0.08
N SER B 170 -7.24 -8.83 -1.13
CA SER B 170 -6.86 -7.43 -1.01
C SER B 170 -7.59 -6.63 -2.07
N LYS B 171 -7.87 -5.37 -1.77
CA LYS B 171 -8.69 -4.53 -2.62
C LYS B 171 -7.87 -3.98 -3.80
N GLN B 172 -8.36 -4.24 -5.02
CA GLN B 172 -7.77 -3.69 -6.24
C GLN B 172 -8.20 -2.24 -6.46
N SER B 173 -7.58 -1.60 -7.46
CA SER B 173 -7.87 -0.20 -7.76
C SER B 173 -9.28 -0.02 -8.28
N ASN B 174 -9.83 -1.02 -8.98
CA ASN B 174 -11.21 -0.96 -9.42
C ASN B 174 -12.20 -1.42 -8.34
N ASN B 175 -11.77 -1.45 -7.07
CA ASN B 175 -12.53 -1.86 -5.90
C ASN B 175 -12.84 -3.36 -5.89
N LYS B 176 -12.46 -4.11 -6.92
CA LYS B 176 -12.56 -5.56 -6.84
C LYS B 176 -11.39 -6.09 -6.02
N TYR B 177 -11.32 -7.40 -5.85
CA TYR B 177 -10.36 -8.03 -4.95
C TYR B 177 -9.44 -8.99 -5.69
N ALA B 178 -8.29 -9.26 -5.07
CA ALA B 178 -7.26 -10.10 -5.63
C ALA B 178 -6.74 -11.03 -4.55
N ALA B 179 -6.25 -12.20 -4.97
CA ALA B 179 -5.64 -13.13 -4.02
C ALA B 179 -4.73 -14.06 -4.80
N SER B 180 -3.88 -14.78 -4.06
CA SER B 180 -3.02 -15.75 -4.71
C SER B 180 -2.82 -16.95 -3.80
N SER B 181 -2.57 -18.09 -4.43
CA SER B 181 -2.34 -19.33 -3.72
C SER B 181 -1.15 -20.04 -4.36
N TYR B 182 -0.23 -20.50 -3.52
CA TYR B 182 0.99 -21.16 -3.96
C TYR B 182 0.98 -22.60 -3.49
N LEU B 183 1.31 -23.52 -4.40
CA LEU B 183 1.54 -24.93 -4.07
C LEU B 183 3.02 -25.20 -4.22
N SER B 184 3.68 -25.57 -3.13
CA SER B 184 5.09 -25.96 -3.15
C SER B 184 5.18 -27.47 -3.37
N LEU B 185 6.03 -27.88 -4.31
CA LEU B 185 6.30 -29.28 -4.62
C LEU B 185 7.81 -29.50 -4.69
N THR B 186 8.20 -30.76 -4.89
CA THR B 186 9.58 -31.06 -5.29
C THR B 186 9.63 -31.21 -6.81
N PRO B 187 10.81 -31.03 -7.42
CA PRO B 187 10.87 -31.19 -8.87
C PRO B 187 10.45 -32.58 -9.36
N GLU B 188 10.76 -33.64 -8.61
CA GLU B 188 10.36 -34.98 -9.02
C GLU B 188 8.86 -35.19 -8.91
N GLN B 189 8.22 -34.56 -7.93
CA GLN B 189 6.76 -34.62 -7.85
C GLN B 189 6.12 -33.96 -9.08
N TRP B 190 6.58 -32.74 -9.43
CA TRP B 190 6.01 -32.02 -10.55
C TRP B 190 6.13 -32.81 -11.85
N LYS B 191 7.33 -33.30 -12.16
CA LYS B 191 7.58 -33.86 -13.48
C LYS B 191 6.96 -35.24 -13.67
N SER B 192 6.61 -35.94 -12.59
CA SER B 192 6.05 -37.27 -12.69
C SER B 192 4.53 -37.30 -12.69
N HIS B 193 3.86 -36.20 -12.34
CA HIS B 193 2.41 -36.25 -12.21
C HIS B 193 1.71 -36.09 -13.55
N ARG B 194 0.40 -36.34 -13.53
CA ARG B 194 -0.42 -36.13 -14.72
C ARG B 194 -0.85 -34.69 -14.83
N SER B 195 -1.19 -34.05 -13.71
CA SER B 195 -1.69 -32.68 -13.72
C SER B 195 -1.82 -32.18 -12.30
N TYR B 196 -1.93 -30.86 -12.18
CA TYR B 196 -2.19 -30.18 -10.92
C TYR B 196 -3.27 -29.13 -11.18
N SER B 197 -4.16 -28.93 -10.22
CA SER B 197 -5.30 -28.04 -10.38
C SER B 197 -5.45 -27.10 -9.19
N CYS B 198 -5.87 -25.88 -9.50
CA CYS B 198 -6.23 -24.87 -8.51
C CYS B 198 -7.74 -24.63 -8.62
N GLN B 199 -8.47 -24.88 -7.52
CA GLN B 199 -9.91 -24.68 -7.47
C GLN B 199 -10.22 -23.44 -6.65
N VAL B 200 -10.94 -22.48 -7.26
CA VAL B 200 -11.25 -21.21 -6.61
C VAL B 200 -12.76 -21.14 -6.45
N THR B 201 -13.22 -21.10 -5.20
CA THR B 201 -14.65 -21.03 -4.88
C THR B 201 -15.02 -19.62 -4.45
N HIS B 202 -16.09 -19.09 -5.04
CA HIS B 202 -16.48 -17.70 -4.83
C HIS B 202 -17.99 -17.58 -5.00
N GLU B 203 -18.68 -17.19 -3.92
CA GLU B 203 -20.13 -16.94 -3.96
C GLU B 203 -20.89 -18.13 -4.53
N GLY B 204 -20.53 -19.34 -4.10
CA GLY B 204 -21.26 -20.54 -4.47
C GLY B 204 -20.83 -21.22 -5.75
N SER B 205 -19.97 -20.59 -6.55
CA SER B 205 -19.46 -21.14 -7.80
C SER B 205 -17.96 -21.39 -7.69
N THR B 206 -17.46 -22.29 -8.53
CA THR B 206 -16.07 -22.71 -8.49
C THR B 206 -15.43 -22.61 -9.88
N VAL B 207 -14.26 -21.99 -9.94
CA VAL B 207 -13.43 -21.97 -11.14
C VAL B 207 -12.18 -22.81 -10.87
N GLU B 208 -11.90 -23.75 -11.76
CA GLU B 208 -10.73 -24.63 -11.61
C GLU B 208 -9.86 -24.59 -12.86
N LYS B 209 -8.57 -24.32 -12.69
CA LYS B 209 -7.60 -24.34 -13.77
C LYS B 209 -6.62 -25.48 -13.56
N THR B 210 -6.13 -26.05 -14.66
CA THR B 210 -5.29 -27.23 -14.64
C THR B 210 -4.06 -27.02 -15.52
N VAL B 211 -2.90 -27.44 -15.00
CA VAL B 211 -1.64 -27.43 -15.74
C VAL B 211 -0.98 -28.79 -15.57
N ALA B 212 -0.15 -29.15 -16.54
CA ALA B 212 0.50 -30.46 -16.57
C ALA B 212 1.95 -30.28 -17.03
N PRO B 213 2.84 -31.20 -16.63
CA PRO B 213 4.24 -31.09 -17.07
C PRO B 213 4.37 -31.39 -18.56
N THR B 214 4.89 -30.41 -19.29
CA THR B 214 5.14 -30.55 -20.73
C THR B 214 6.03 -29.41 -21.22
#